data_2VWY
#
_entry.id   2VWY
#
_cell.length_a   46.073
_cell.length_b   53.479
_cell.length_c   61.517
_cell.angle_alpha   90.00
_cell.angle_beta   110.90
_cell.angle_gamma   90.00
#
_symmetry.space_group_name_H-M   'P 1 21 1'
#
loop_
_entity.id
_entity.type
_entity.pdbx_description
1 polymer 'EPHRIN TYPE-B RECEPTOR 4'
2 non-polymer "N'-(5-chloro-1,3-benzodioxol-4-yl)-N-(3-methylsulfonylphenyl)pyrimidine-2,4-diamine"
3 non-polymer 'MAGNESIUM ION'
4 water water
#
_entity_poly.entity_id   1
_entity_poly.type   'polypeptide(L)'
_entity_poly.pdbx_seq_one_letter_code
;DPNEAVREFAKEIDVSYVKIEEVIGAGEFGEVCRGRLKAPGKKESCVAIKTLKGGYTERQRREFLSEASIMGQFEHPNII
RLEGVVTNSMPVMILTEFMENGALDSFLRLNDGQFTVIQLVGMLRGIASGMRYLAEMSYVHRDLAARNILVNSNLVCKVS
DFGLSRFLEENSSDPTETSSLGGKIPIRWTAPEAIAFRKFTSASDAWSYGIVMWEVMSFGERPYWDMSNQDVINAIEQDY
RLPPPPDCPTSLHQLMLDCWQKDRNARPRFPQVVSALDKMIRNPASLKIVARENGGASHPLL
;
_entity_poly.pdbx_strand_id   A
#
# COMPACT_ATOMS: atom_id res chain seq x y z
N LYS A 11 -17.75 1.73 13.47
CA LYS A 11 -17.85 2.01 14.94
C LYS A 11 -17.70 3.49 15.25
N GLU A 12 -18.79 4.07 15.75
CA GLU A 12 -18.79 5.47 16.14
C GLU A 12 -18.00 5.59 17.43
N ILE A 13 -17.06 6.51 17.45
CA ILE A 13 -16.21 6.71 18.61
C ILE A 13 -16.60 8.04 19.25
N ASP A 14 -16.97 7.97 20.51
CA ASP A 14 -17.23 9.16 21.30
C ASP A 14 -15.99 10.04 21.26
N VAL A 15 -16.16 11.30 20.87
CA VAL A 15 -15.01 12.18 20.70
C VAL A 15 -14.23 12.38 22.00
N SER A 16 -14.91 12.26 23.15
CA SER A 16 -14.24 12.38 24.45
C SER A 16 -13.22 11.25 24.68
N TYR A 17 -13.31 10.18 23.89
CA TYR A 17 -12.38 9.06 24.02
C TYR A 17 -11.05 9.31 23.28
N VAL A 18 -10.99 10.39 22.48
CA VAL A 18 -9.88 10.65 21.56
C VAL A 18 -9.09 11.89 22.02
N LYS A 19 -7.77 11.76 22.04
CA LYS A 19 -6.86 12.87 22.28
C LYS A 19 -5.86 12.94 21.14
N ILE A 20 -5.86 14.05 20.42
CA ILE A 20 -4.93 14.26 19.30
C ILE A 20 -3.63 14.86 19.84
N GLU A 21 -2.50 14.25 19.51
CA GLU A 21 -1.21 14.61 20.10
C GLU A 21 -0.35 15.48 19.19
N GLU A 22 -0.27 15.10 17.92
CA GLU A 22 0.62 15.79 16.99
C GLU A 22 0.22 15.52 15.53
N VAL A 23 0.40 16.52 14.66
CA VAL A 23 0.16 16.37 13.22
C VAL A 23 1.47 15.79 12.64
N ILE A 24 1.34 14.64 11.98
CA ILE A 24 2.48 13.90 11.43
C ILE A 24 2.45 13.74 9.91
N GLY A 25 1.38 14.17 9.26
CA GLY A 25 1.26 13.99 7.82
C GLY A 25 0.12 14.80 7.24
N ALA A 26 0.02 14.78 5.90
CA ALA A 26 -1.12 15.39 5.19
C ALA A 26 -1.74 14.35 4.26
N GLY A 27 -3.06 14.26 4.27
CA GLY A 27 -3.78 13.37 3.35
C GLY A 27 -4.57 14.14 2.32
N GLU A 28 -5.31 13.41 1.49
CA GLU A 28 -6.12 14.05 0.43
C GLU A 28 -7.08 15.10 0.95
N PHE A 29 -7.69 14.87 2.11
CA PHE A 29 -8.79 15.71 2.56
C PHE A 29 -8.49 16.49 3.83
N GLY A 30 -7.26 16.38 4.31
CA GLY A 30 -6.84 17.04 5.55
C GLY A 30 -5.62 16.42 6.20
N GLU A 31 -5.48 16.64 7.50
CA GLU A 31 -4.28 16.24 8.23
C GLU A 31 -4.30 14.74 8.61
N VAL A 32 -3.11 14.20 8.86
CA VAL A 32 -2.97 12.95 9.57
C VAL A 32 -2.21 13.23 10.86
N CYS A 33 -2.76 12.74 11.98
CA CYS A 33 -2.24 13.00 13.34
C CYS A 33 -1.97 11.71 14.09
N ARG A 34 -1.08 11.79 15.06
CA ARG A 34 -0.94 10.77 16.09
C ARG A 34 -1.78 11.21 17.29
N GLY A 35 -2.45 10.24 17.91
CA GLY A 35 -3.28 10.50 19.09
C GLY A 35 -3.41 9.26 19.95
N ARG A 36 -4.28 9.39 20.95
CA ARG A 36 -4.56 8.29 21.87
C ARG A 36 -6.07 8.07 21.95
N LEU A 37 -6.46 6.81 22.00
CA LEU A 37 -7.87 6.39 22.11
C LEU A 37 -8.01 5.68 23.45
N LYS A 38 -9.00 6.09 24.25
CA LYS A 38 -9.28 5.42 25.53
C LYS A 38 -10.79 5.29 25.67
N ALA A 39 -11.26 4.03 25.56
CA ALA A 39 -12.67 3.68 25.64
C ALA A 39 -12.95 2.93 26.94
N PRO A 40 -14.14 3.12 27.54
CA PRO A 40 -14.47 2.39 28.75
C PRO A 40 -14.28 0.89 28.61
N GLY A 41 -13.54 0.29 29.55
CA GLY A 41 -13.34 -1.15 29.58
C GLY A 41 -12.08 -1.60 28.86
N LYS A 42 -11.48 -0.72 28.07
CA LYS A 42 -10.29 -1.05 27.31
C LYS A 42 -9.11 -0.17 27.70
N LYS A 43 -7.90 -0.72 27.56
CA LYS A 43 -6.70 0.02 27.83
C LYS A 43 -6.54 1.09 26.75
N GLU A 44 -5.82 2.17 27.09
CA GLU A 44 -5.49 3.21 26.13
C GLU A 44 -4.59 2.63 25.04
N SER A 45 -4.79 3.08 23.80
CA SER A 45 -3.94 2.67 22.69
C SER A 45 -3.57 3.88 21.84
N CYS A 46 -2.49 3.73 21.09
CA CYS A 46 -2.04 4.76 20.15
CA CYS A 46 -2.05 4.75 20.17
C CYS A 46 -2.82 4.62 18.87
N VAL A 47 -3.21 5.75 18.28
CA VAL A 47 -3.95 5.74 17.00
C VAL A 47 -3.42 6.80 16.03
N ALA A 48 -3.53 6.52 14.73
CA ALA A 48 -3.48 7.56 13.71
C ALA A 48 -4.90 8.05 13.49
N ILE A 49 -5.00 9.35 13.23
CA ILE A 49 -6.27 10.06 13.07
C ILE A 49 -6.21 10.88 11.78
N LYS A 50 -7.10 10.60 10.83
CA LYS A 50 -7.33 11.46 9.66
C LYS A 50 -8.50 12.32 10.00
N THR A 51 -8.36 13.64 9.78
CA THR A 51 -9.41 14.63 10.07
C THR A 51 -9.89 15.27 8.76
N LEU A 52 -11.18 15.61 8.73
CA LEU A 52 -11.80 16.33 7.62
C LEU A 52 -12.54 17.53 8.22
N LYS A 53 -12.00 18.73 8.03
CA LYS A 53 -12.56 19.95 8.61
C LYS A 53 -13.55 20.57 7.62
N GLY A 54 -14.09 21.73 7.96
CA GLY A 54 -15.08 22.41 7.10
C GLY A 54 -14.59 22.77 5.69
N GLY A 55 -15.56 23.07 4.82
CA GLY A 55 -15.29 23.46 3.43
C GLY A 55 -15.28 22.30 2.46
N TYR A 56 -16.02 21.25 2.79
CA TYR A 56 -16.11 20.04 1.97
C TYR A 56 -17.57 19.77 1.58
N THR A 57 -17.76 19.18 0.40
CA THR A 57 -19.09 18.80 -0.05
C THR A 57 -19.47 17.47 0.57
N GLU A 58 -20.76 17.14 0.54
CA GLU A 58 -21.25 15.87 1.08
C GLU A 58 -20.70 14.67 0.31
N ARG A 59 -20.53 14.80 -0.99
CA ARG A 59 -19.95 13.72 -1.78
C ARG A 59 -18.52 13.45 -1.29
N GLN A 60 -17.78 14.51 -0.99
CA GLN A 60 -16.42 14.40 -0.47
C GLN A 60 -16.37 13.74 0.92
N ARG A 61 -17.29 14.14 1.79
CA ARG A 61 -17.44 13.51 3.09
C ARG A 61 -17.69 12.02 2.96
N ARG A 62 -18.54 11.64 2.01
CA ARG A 62 -18.85 10.23 1.79
C ARG A 62 -17.63 9.53 1.22
N GLU A 63 -16.88 10.23 0.37
CA GLU A 63 -15.67 9.65 -0.20
C GLU A 63 -14.65 9.44 0.91
N PHE A 64 -14.53 10.44 1.78
CA PHE A 64 -13.63 10.36 2.92
C PHE A 64 -13.94 9.12 3.75
N LEU A 65 -15.22 9.01 4.14
CA LEU A 65 -15.64 7.98 5.08
C LEU A 65 -15.64 6.60 4.46
N SER A 66 -15.75 6.52 3.12
CA SER A 66 -15.67 5.21 2.42
C SER A 66 -14.43 4.39 2.73
N GLU A 67 -13.31 5.06 2.95
CA GLU A 67 -12.07 4.38 3.36
C GLU A 67 -12.28 3.67 4.66
N ALA A 68 -13.00 4.29 5.60
CA ALA A 68 -13.36 3.64 6.85
C ALA A 68 -14.26 2.40 6.63
N SER A 69 -15.32 2.56 5.84
CA SER A 69 -16.24 1.44 5.55
C SER A 69 -15.50 0.24 5.06
N ILE A 70 -14.69 0.46 4.02
CA ILE A 70 -13.88 -0.61 3.41
C ILE A 70 -12.90 -1.20 4.43
N MET A 71 -12.04 -0.39 5.03
CA MET A 71 -11.10 -0.93 6.05
C MET A 71 -11.85 -1.77 7.08
N GLY A 72 -13.04 -1.33 7.45
CA GLY A 72 -13.83 -2.01 8.46
C GLY A 72 -14.29 -3.39 8.03
N GLN A 73 -14.19 -3.69 6.74
CA GLN A 73 -14.58 -5.00 6.19
C GLN A 73 -13.47 -6.01 6.37
N PHE A 74 -12.27 -5.54 6.73
CA PHE A 74 -11.11 -6.42 6.81
C PHE A 74 -10.54 -6.58 8.21
N GLU A 75 -9.92 -7.74 8.42
CA GLU A 75 -9.21 -8.09 9.64
C GLU A 75 -8.06 -9.01 9.25
N HIS A 76 -6.83 -8.49 9.32
CA HIS A 76 -5.61 -9.22 8.93
C HIS A 76 -4.41 -8.45 9.47
N PRO A 77 -3.40 -9.15 9.98
CA PRO A 77 -2.23 -8.43 10.55
C PRO A 77 -1.41 -7.61 9.60
N ASN A 78 -1.60 -7.80 8.28
CA ASN A 78 -0.91 -6.98 7.29
C ASN A 78 -1.86 -6.06 6.50
N ILE A 79 -2.99 -5.72 7.13
CA ILE A 79 -3.93 -4.72 6.58
C ILE A 79 -4.18 -3.75 7.72
N ILE A 80 -4.10 -2.46 7.43
CA ILE A 80 -4.28 -1.43 8.49
C ILE A 80 -5.63 -1.65 9.18
N ARG A 81 -5.62 -1.69 10.52
CA ARG A 81 -6.82 -1.97 11.30
C ARG A 81 -7.57 -0.66 11.62
N LEU A 82 -8.86 -0.67 11.34
CA LEU A 82 -9.75 0.44 11.71
C LEU A 82 -10.16 0.35 13.17
N GLU A 83 -10.02 1.44 13.91
CA GLU A 83 -10.58 1.53 15.28
C GLU A 83 -11.97 2.13 15.24
N GLY A 84 -12.19 3.13 14.40
CA GLY A 84 -13.52 3.73 14.33
C GLY A 84 -13.56 5.05 13.60
N VAL A 85 -14.72 5.67 13.68
CA VAL A 85 -14.95 6.98 13.05
C VAL A 85 -15.65 7.91 14.05
N VAL A 86 -15.43 9.20 13.82
CA VAL A 86 -16.16 10.28 14.48
C VAL A 86 -16.93 10.98 13.36
N THR A 87 -18.26 10.89 13.42
CA THR A 87 -19.12 11.50 12.40
C THR A 87 -20.16 12.49 12.96
N ASN A 88 -20.50 12.37 14.25
CA ASN A 88 -21.48 13.25 14.89
C ASN A 88 -20.89 14.51 15.51
N SER A 89 -19.66 14.86 15.14
CA SER A 89 -19.09 16.15 15.53
C SER A 89 -17.99 16.53 14.55
N MET A 90 -17.41 17.72 14.75
CA MET A 90 -16.40 18.29 13.87
CA MET A 90 -16.41 18.24 13.86
C MET A 90 -15.09 18.42 14.63
N PRO A 91 -13.96 18.04 14.00
CA PRO A 91 -13.81 17.46 12.66
C PRO A 91 -14.30 16.01 12.56
N VAL A 92 -14.70 15.62 11.36
CA VAL A 92 -14.98 14.22 11.04
C VAL A 92 -13.64 13.49 11.09
N MET A 93 -13.61 12.30 11.70
CA MET A 93 -12.33 11.61 11.87
C MET A 93 -12.42 10.13 11.54
N ILE A 94 -11.33 9.62 10.98
CA ILE A 94 -11.07 8.18 10.88
C ILE A 94 -9.88 7.80 11.77
N LEU A 95 -10.07 6.80 12.64
CA LEU A 95 -9.02 6.34 13.53
C LEU A 95 -8.60 4.95 13.18
N THR A 96 -7.28 4.74 13.07
CA THR A 96 -6.71 3.42 12.84
C THR A 96 -5.62 3.15 13.86
N GLU A 97 -5.12 1.92 13.84
CA GLU A 97 -3.89 1.60 14.54
C GLU A 97 -2.82 2.60 14.07
N PHE A 98 -1.80 2.83 14.89
CA PHE A 98 -0.74 3.77 14.56
C PHE A 98 0.49 2.99 14.12
N MET A 99 1.06 3.39 13.00
CA MET A 99 2.23 2.74 12.40
C MET A 99 3.38 3.74 12.55
N GLU A 100 4.25 3.45 13.52
CA GLU A 100 5.22 4.40 14.03
C GLU A 100 6.17 4.90 12.93
N ASN A 101 6.52 4.01 11.98
CA ASN A 101 7.50 4.33 10.94
C ASN A 101 6.92 4.85 9.61
N GLY A 102 5.65 5.13 9.57
CA GLY A 102 5.05 5.75 8.40
C GLY A 102 5.16 4.96 7.12
N ALA A 103 5.27 5.67 6.00
CA ALA A 103 5.26 5.08 4.66
C ALA A 103 6.58 4.38 4.35
N LEU A 104 6.49 3.23 3.70
CA LEU A 104 7.64 2.36 3.50
C LEU A 104 8.67 2.98 2.58
N ASP A 105 8.24 3.69 1.55
CA ASP A 105 9.21 4.29 0.61
C ASP A 105 10.07 5.32 1.31
N SER A 106 9.47 6.20 2.09
CA SER A 106 10.25 7.24 2.74
C SER A 106 11.08 6.61 3.86
N PHE A 107 10.50 5.66 4.58
CA PHE A 107 11.21 4.91 5.63
C PHE A 107 12.48 4.24 5.10
N LEU A 108 12.37 3.61 3.92
CA LEU A 108 13.52 2.94 3.32
C LEU A 108 14.56 3.94 2.85
N ARG A 109 14.12 5.04 2.27
CA ARG A 109 15.04 6.09 1.83
C ARG A 109 15.84 6.62 3.02
N LEU A 110 15.15 6.89 4.13
CA LEU A 110 15.77 7.31 5.37
C LEU A 110 16.82 6.29 5.85
N ASN A 111 16.55 5.01 5.61
CA ASN A 111 17.41 3.89 6.06
C ASN A 111 18.12 3.17 4.92
N ASP A 112 18.56 3.93 3.92
CA ASP A 112 19.11 3.38 2.68
C ASP A 112 20.27 2.45 2.99
N GLY A 113 20.21 1.21 2.52
CA GLY A 113 21.27 0.25 2.75
C GLY A 113 21.47 -0.29 4.18
N GLN A 114 20.51 0.00 5.07
CA GLN A 114 20.70 -0.27 6.51
C GLN A 114 19.94 -1.47 7.05
N PHE A 115 19.08 -2.04 6.20
CA PHE A 115 18.41 -3.32 6.51
C PHE A 115 18.93 -4.43 5.59
N THR A 116 19.04 -5.64 6.14
CA THR A 116 19.51 -6.80 5.37
C THR A 116 18.47 -7.29 4.37
N VAL A 117 18.95 -8.10 3.42
CA VAL A 117 18.09 -8.71 2.43
C VAL A 117 16.98 -9.47 3.17
N ILE A 118 17.31 -10.21 4.22
CA ILE A 118 16.30 -11.01 4.90
C ILE A 118 15.23 -10.14 5.53
N GLN A 119 15.64 -9.01 6.12
CA GLN A 119 14.67 -8.03 6.61
C GLN A 119 13.78 -7.51 5.50
N LEU A 120 14.35 -7.15 4.36
CA LEU A 120 13.59 -6.65 3.23
C LEU A 120 12.62 -7.75 2.69
N VAL A 121 13.08 -9.00 2.65
CA VAL A 121 12.20 -10.10 2.19
C VAL A 121 11.06 -10.28 3.19
N GLY A 122 11.34 -10.12 4.49
CA GLY A 122 10.28 -10.18 5.48
C GLY A 122 9.22 -9.10 5.29
N MET A 123 9.67 -7.89 4.99
CA MET A 123 8.75 -6.80 4.63
C MET A 123 7.90 -7.17 3.42
N LEU A 124 8.56 -7.60 2.36
CA LEU A 124 7.83 -8.04 1.17
C LEU A 124 6.83 -9.20 1.44
N ARG A 125 7.16 -10.12 2.33
CA ARG A 125 6.29 -11.23 2.68
C ARG A 125 5.03 -10.68 3.37
N GLY A 126 5.23 -9.78 4.29
CA GLY A 126 4.09 -9.13 4.96
C GLY A 126 3.14 -8.44 4.00
N ILE A 127 3.71 -7.70 3.05
CA ILE A 127 2.90 -7.06 2.01
C ILE A 127 2.17 -8.11 1.19
N ALA A 128 2.88 -9.18 0.80
CA ALA A 128 2.30 -10.24 -0.02
C ALA A 128 1.18 -10.98 0.70
N SER A 129 1.27 -11.09 2.03
CA SER A 129 0.24 -11.77 2.80
C SER A 129 -0.98 -10.87 2.87
N GLY A 130 -0.76 -9.56 3.04
CA GLY A 130 -1.86 -8.60 2.98
C GLY A 130 -2.59 -8.70 1.67
N MET A 131 -1.84 -8.72 0.56
CA MET A 131 -2.47 -8.84 -0.76
C MET A 131 -3.20 -10.19 -1.01
N ARG A 132 -2.56 -11.29 -0.60
CA ARG A 132 -3.19 -12.63 -0.56
C ARG A 132 -4.58 -12.57 0.06
N TYR A 133 -4.65 -11.96 1.24
CA TYR A 133 -5.91 -11.72 1.91
C TYR A 133 -6.88 -10.89 1.10
N LEU A 134 -6.44 -9.76 0.56
CA LEU A 134 -7.35 -8.90 -0.21
C LEU A 134 -7.91 -9.67 -1.42
N ALA A 135 -7.04 -10.40 -2.10
CA ALA A 135 -7.43 -11.16 -3.29
C ALA A 135 -8.43 -12.25 -2.95
N GLU A 136 -8.22 -12.92 -1.82
CA GLU A 136 -9.13 -13.92 -1.32
C GLU A 136 -10.52 -13.31 -1.05
N MET A 137 -10.53 -12.06 -0.59
CA MET A 137 -11.77 -11.31 -0.34
C MET A 137 -12.31 -10.62 -1.60
N SER A 138 -11.71 -10.91 -2.77
CA SER A 138 -12.11 -10.34 -4.06
C SER A 138 -12.04 -8.82 -4.04
N TYR A 139 -11.07 -8.29 -3.30
CA TYR A 139 -10.81 -6.85 -3.28
C TYR A 139 -9.56 -6.61 -4.11
N VAL A 140 -9.71 -5.79 -5.14
CA VAL A 140 -8.63 -5.35 -5.98
C VAL A 140 -8.18 -3.99 -5.49
N HIS A 141 -6.92 -3.87 -5.14
CA HIS A 141 -6.41 -2.61 -4.56
C HIS A 141 -6.30 -1.40 -5.52
N ARG A 142 -5.64 -1.63 -6.67
CA ARG A 142 -5.53 -0.68 -7.79
C ARG A 142 -4.47 0.42 -7.60
N ASP A 143 -3.96 0.59 -6.41
CA ASP A 143 -2.95 1.63 -6.14
C ASP A 143 -1.87 1.04 -5.24
N LEU A 144 -1.46 -0.19 -5.54
CA LEU A 144 -0.44 -0.88 -4.74
C LEU A 144 0.94 -0.30 -5.06
N ALA A 145 1.57 0.31 -4.08
CA ALA A 145 2.83 1.06 -4.26
C ALA A 145 3.43 1.18 -2.89
N ALA A 146 4.75 1.31 -2.81
CA ALA A 146 5.44 1.37 -1.49
C ALA A 146 4.91 2.53 -0.62
N ARG A 147 4.51 3.65 -1.26
CA ARG A 147 3.95 4.77 -0.52
C ARG A 147 2.66 4.41 0.22
N ASN A 148 1.97 3.36 -0.22
CA ASN A 148 0.74 2.93 0.45
C ASN A 148 0.91 1.76 1.42
N ILE A 149 2.16 1.42 1.72
CA ILE A 149 2.49 0.41 2.73
C ILE A 149 2.99 1.15 3.95
N LEU A 150 2.40 0.87 5.12
CA LEU A 150 2.84 1.49 6.38
C LEU A 150 3.59 0.47 7.21
N VAL A 151 4.49 1.00 8.03
CA VAL A 151 5.46 0.19 8.74
C VAL A 151 5.42 0.51 10.23
N ASN A 152 5.30 -0.53 11.06
CA ASN A 152 5.22 -0.31 12.53
C ASN A 152 6.63 -0.41 13.20
N SER A 153 6.73 -0.30 14.53
CA SER A 153 8.04 -0.29 15.19
CA SER A 153 8.03 -0.29 15.20
C SER A 153 8.77 -1.63 15.09
N ASN A 154 8.04 -2.71 14.83
CA ASN A 154 8.63 -4.04 14.65
C ASN A 154 8.93 -4.37 13.18
N LEU A 155 8.79 -3.35 12.33
CA LEU A 155 9.04 -3.44 10.88
C LEU A 155 7.98 -4.25 10.14
N VAL A 156 6.85 -4.49 10.78
CA VAL A 156 5.74 -5.15 10.14
C VAL A 156 5.09 -4.16 9.16
N CYS A 157 4.91 -4.62 7.92
CA CYS A 157 4.35 -3.86 6.82
C CYS A 157 2.86 -4.17 6.67
N LYS A 158 2.04 -3.11 6.50
CA LYS A 158 0.64 -3.28 6.34
C LYS A 158 0.15 -2.44 5.17
N VAL A 159 -0.75 -3.02 4.39
CA VAL A 159 -1.41 -2.35 3.29
C VAL A 159 -2.40 -1.29 3.76
N SER A 160 -2.30 -0.13 3.13
CA SER A 160 -3.24 0.96 3.34
C SER A 160 -3.79 1.52 2.02
N ASP A 161 -4.68 2.51 2.13
CA ASP A 161 -5.31 3.23 1.03
C ASP A 161 -6.44 2.41 0.38
N PHE A 162 -7.64 2.57 0.93
CA PHE A 162 -8.79 1.79 0.48
C PHE A 162 -9.87 2.73 0.00
N GLY A 163 -10.46 2.38 -1.13
CA GLY A 163 -11.44 3.21 -1.81
C GLY A 163 -11.81 2.51 -3.11
N LEU A 164 -13.04 2.73 -3.56
CA LEU A 164 -13.59 2.01 -4.72
C LEU A 164 -13.98 2.94 -5.88
N SER A 165 -13.58 4.20 -5.79
CA SER A 165 -13.97 5.18 -6.78
C SER A 165 -13.22 4.88 -8.06
N ARG A 166 -13.95 4.81 -9.18
CA ARG A 166 -13.31 4.67 -10.47
CA ARG A 166 -13.32 4.69 -10.49
C ARG A 166 -12.20 5.72 -10.59
N PHE A 167 -11.16 5.41 -11.35
CA PHE A 167 -10.15 6.42 -11.65
C PHE A 167 -10.76 7.43 -12.64
N LEU A 168 -10.17 8.63 -12.68
CA LEU A 168 -10.64 9.71 -13.57
C LEU A 168 -10.85 9.28 -15.03
N GLU A 169 -10.01 8.36 -15.52
CA GLU A 169 -10.10 7.90 -16.90
C GLU A 169 -11.31 6.96 -17.16
N GLU A 170 -11.76 6.27 -16.10
CA GLU A 170 -12.88 5.34 -16.21
C GLU A 170 -14.26 6.01 -16.25
N ASN A 171 -14.31 7.27 -15.83
CA ASN A 171 -15.57 8.00 -15.69
C ASN A 171 -15.79 8.95 -16.86
N SER A 172 -16.84 9.75 -16.78
CA SER A 172 -17.27 10.59 -17.90
C SER A 172 -16.11 11.28 -18.58
N SER A 173 -16.11 11.13 -19.90
CA SER A 173 -15.45 12.03 -20.83
C SER A 173 -15.06 13.39 -20.23
N ASP A 174 -16.06 14.14 -19.78
CA ASP A 174 -15.84 15.48 -19.24
C ASP A 174 -15.68 15.41 -17.74
N GLY A 182 -11.49 8.88 -8.00
CA GLY A 182 -10.38 8.00 -7.61
C GLY A 182 -9.01 8.62 -7.80
N GLY A 183 -8.94 9.79 -8.46
CA GLY A 183 -7.67 10.34 -8.95
C GLY A 183 -7.27 9.69 -10.27
N LYS A 184 -6.06 9.97 -10.76
CA LYS A 184 -5.60 9.45 -12.06
C LYS A 184 -5.00 8.07 -11.88
N ILE A 185 -4.94 7.29 -12.96
CA ILE A 185 -4.36 5.95 -12.87
C ILE A 185 -2.86 6.12 -12.55
N PRO A 186 -2.35 5.36 -11.56
CA PRO A 186 -0.93 5.49 -11.25
C PRO A 186 -0.08 4.69 -12.22
N ILE A 187 0.26 5.32 -13.35
CA ILE A 187 0.77 4.59 -14.52
C ILE A 187 1.98 3.70 -14.20
N ARG A 188 2.94 4.23 -13.44
CA ARG A 188 4.19 3.51 -13.15
C ARG A 188 4.00 2.21 -12.35
N TRP A 189 2.88 2.09 -11.64
CA TRP A 189 2.58 0.92 -10.84
C TRP A 189 1.61 -0.03 -11.53
N THR A 190 1.07 0.40 -12.67
CA THR A 190 -0.13 -0.22 -13.22
C THR A 190 0.17 -1.18 -14.39
N ALA A 191 -0.51 -2.34 -14.38
CA ALA A 191 -0.30 -3.38 -15.42
C ALA A 191 -0.74 -2.86 -16.77
N PRO A 192 -0.09 -3.30 -17.86
CA PRO A 192 -0.41 -2.71 -19.18
C PRO A 192 -1.87 -2.88 -19.61
N GLU A 193 -2.46 -4.04 -19.32
CA GLU A 193 -3.89 -4.28 -19.66
C GLU A 193 -4.81 -3.39 -18.83
N ALA A 194 -4.36 -3.03 -17.63
CA ALA A 194 -5.17 -2.17 -16.76
C ALA A 194 -5.10 -0.72 -17.26
N ILE A 195 -3.93 -0.29 -17.72
CA ILE A 195 -3.81 1.05 -18.35
C ILE A 195 -4.66 1.16 -19.64
N ALA A 196 -4.49 0.16 -20.48
CA ALA A 196 -5.11 0.15 -21.80
C ALA A 196 -6.63 -0.03 -21.78
N PHE A 197 -7.11 -0.99 -20.99
CA PHE A 197 -8.53 -1.40 -20.99
C PHE A 197 -9.25 -1.15 -19.67
N ARG A 198 -8.52 -0.62 -18.67
CA ARG A 198 -9.05 -0.43 -17.34
C ARG A 198 -9.59 -1.73 -16.73
N LYS A 199 -9.02 -2.86 -17.12
CA LYS A 199 -9.36 -4.10 -16.46
C LYS A 199 -8.40 -4.27 -15.27
N PHE A 200 -8.94 -3.95 -14.08
CA PHE A 200 -8.23 -4.07 -12.82
C PHE A 200 -8.66 -5.37 -12.13
N THR A 201 -7.69 -6.24 -11.88
CA THR A 201 -7.90 -7.58 -11.31
C THR A 201 -6.83 -7.79 -10.25
N SER A 202 -6.91 -8.89 -9.51
CA SER A 202 -5.84 -9.22 -8.57
C SER A 202 -4.54 -9.48 -9.35
N ALA A 203 -4.65 -9.95 -10.59
CA ALA A 203 -3.49 -10.13 -11.45
C ALA A 203 -2.82 -8.82 -11.87
N SER A 204 -3.59 -7.74 -12.00
CA SER A 204 -2.93 -6.43 -12.22
C SER A 204 -2.29 -5.98 -10.90
N ASP A 205 -2.89 -6.32 -9.77
CA ASP A 205 -2.28 -5.98 -8.47
C ASP A 205 -0.96 -6.71 -8.37
N ALA A 206 -0.86 -7.93 -8.95
CA ALA A 206 0.40 -8.71 -8.90
C ALA A 206 1.53 -7.98 -9.67
N TRP A 207 1.17 -7.38 -10.78
CA TRP A 207 2.10 -6.50 -11.52
C TRP A 207 2.58 -5.41 -10.57
N SER A 208 1.64 -4.68 -9.99
CA SER A 208 2.01 -3.63 -9.01
C SER A 208 2.93 -4.11 -7.89
N TYR A 209 2.59 -5.27 -7.35
CA TYR A 209 3.41 -5.90 -6.32
C TYR A 209 4.87 -6.07 -6.75
N GLY A 210 5.09 -6.51 -7.99
CA GLY A 210 6.43 -6.59 -8.57
C GLY A 210 7.11 -5.21 -8.54
N ILE A 211 6.37 -4.16 -8.87
CA ILE A 211 6.95 -2.80 -8.75
C ILE A 211 7.33 -2.50 -7.30
N VAL A 212 6.46 -2.84 -6.34
CA VAL A 212 6.74 -2.62 -4.93
C VAL A 212 7.99 -3.40 -4.49
N MET A 213 8.14 -4.64 -4.97
CA MET A 213 9.36 -5.39 -4.72
C MET A 213 10.62 -4.59 -5.14
N TRP A 214 10.57 -4.01 -6.34
CA TRP A 214 11.66 -3.23 -6.89
C TRP A 214 11.90 -2.02 -6.01
N GLU A 215 10.82 -1.36 -5.60
CA GLU A 215 10.94 -0.19 -4.67
C GLU A 215 11.65 -0.56 -3.39
N VAL A 216 11.29 -1.71 -2.83
CA VAL A 216 11.82 -2.12 -1.56
C VAL A 216 13.31 -2.48 -1.69
N MET A 217 13.66 -3.23 -2.72
CA MET A 217 15.01 -3.67 -2.93
C MET A 217 15.92 -2.53 -3.41
N SER A 218 15.32 -1.41 -3.84
CA SER A 218 16.05 -0.21 -4.20
C SER A 218 16.06 0.81 -3.09
N PHE A 219 15.56 0.44 -1.92
CA PHE A 219 15.43 1.35 -0.79
C PHE A 219 14.68 2.67 -1.18
N GLY A 220 13.57 2.50 -1.86
CA GLY A 220 12.65 3.61 -2.17
C GLY A 220 13.04 4.51 -3.33
N GLU A 221 13.82 4.02 -4.29
CA GLU A 221 13.99 4.76 -5.54
C GLU A 221 12.66 4.82 -6.32
N ARG A 222 12.55 5.80 -7.19
CA ARG A 222 11.35 6.00 -7.99
C ARG A 222 11.34 5.03 -9.17
N PRO A 223 10.26 4.24 -9.31
CA PRO A 223 10.19 3.35 -10.47
C PRO A 223 10.33 4.10 -11.80
N TYR A 224 11.24 3.63 -12.66
CA TYR A 224 11.48 4.20 -14.01
C TYR A 224 12.13 5.60 -14.01
N TRP A 225 12.71 5.97 -12.88
CA TRP A 225 13.46 7.22 -12.74
C TRP A 225 12.71 8.41 -13.39
N ASP A 226 13.31 9.09 -14.36
CA ASP A 226 12.70 10.29 -14.94
C ASP A 226 11.89 10.04 -16.22
N MET A 227 11.69 8.77 -16.57
CA MET A 227 10.86 8.47 -17.73
C MET A 227 9.50 9.10 -17.58
N SER A 228 8.95 9.61 -18.66
CA SER A 228 7.55 10.09 -18.68
C SER A 228 6.56 8.91 -18.56
N ASN A 229 5.34 9.20 -18.11
CA ASN A 229 4.29 8.19 -18.08
C ASN A 229 4.16 7.51 -19.44
N GLN A 230 4.16 8.29 -20.52
CA GLN A 230 4.02 7.68 -21.84
C GLN A 230 5.28 6.90 -22.20
N ASP A 231 6.47 7.39 -21.78
CA ASP A 231 7.74 6.67 -21.98
C ASP A 231 7.68 5.26 -21.35
N VAL A 232 7.11 5.20 -20.13
CA VAL A 232 6.95 3.94 -19.38
C VAL A 232 5.98 3.04 -20.12
N ILE A 233 4.83 3.59 -20.52
CA ILE A 233 3.83 2.84 -21.29
C ILE A 233 4.44 2.20 -22.54
N ASN A 234 5.20 2.99 -23.30
CA ASN A 234 5.78 2.48 -24.56
C ASN A 234 6.91 1.47 -24.31
N ALA A 235 7.74 1.73 -23.30
CA ALA A 235 8.83 0.81 -22.92
C ALA A 235 8.30 -0.57 -22.54
N ILE A 236 7.28 -0.60 -21.69
CA ILE A 236 6.66 -1.86 -21.29
C ILE A 236 6.09 -2.62 -22.49
N GLU A 237 5.37 -1.93 -23.37
CA GLU A 237 4.86 -2.55 -24.61
C GLU A 237 6.02 -3.08 -25.48
N GLN A 238 7.18 -2.43 -25.38
CA GLN A 238 8.38 -2.80 -26.15
C GLN A 238 9.35 -3.67 -25.34
N ASP A 239 8.81 -4.41 -24.38
CA ASP A 239 9.51 -5.46 -23.67
C ASP A 239 10.53 -5.01 -22.60
N TYR A 240 10.65 -3.71 -22.37
CA TYR A 240 11.52 -3.22 -21.32
C TYR A 240 11.00 -3.67 -19.95
N ARG A 241 11.90 -4.11 -19.07
CA ARG A 241 11.55 -4.31 -17.66
C ARG A 241 12.65 -3.72 -16.76
N LEU A 242 12.26 -3.22 -15.61
CA LEU A 242 13.22 -2.62 -14.68
C LEU A 242 14.33 -3.64 -14.34
N PRO A 243 15.60 -3.17 -14.30
CA PRO A 243 16.71 -4.07 -14.02
C PRO A 243 16.79 -4.37 -12.53
N PRO A 244 17.62 -5.35 -12.16
CA PRO A 244 17.73 -5.63 -10.72
C PRO A 244 18.38 -4.45 -9.99
N PRO A 245 17.80 -4.03 -8.86
CA PRO A 245 18.49 -3.02 -8.08
C PRO A 245 19.87 -3.48 -7.62
N PRO A 246 20.72 -2.52 -7.22
CA PRO A 246 22.05 -2.87 -6.69
C PRO A 246 21.94 -3.91 -5.60
N ASP A 247 22.78 -4.92 -5.67
CA ASP A 247 22.86 -6.02 -4.69
C ASP A 247 21.59 -6.86 -4.55
N CYS A 248 20.65 -6.75 -5.49
CA CYS A 248 19.40 -7.50 -5.37
C CYS A 248 19.66 -8.98 -5.72
N PRO A 249 19.26 -9.92 -4.83
CA PRO A 249 19.30 -11.33 -5.18
C PRO A 249 18.57 -11.61 -6.49
N THR A 250 19.19 -12.40 -7.33
CA THR A 250 18.61 -12.75 -8.61
C THR A 250 17.25 -13.43 -8.49
N SER A 251 17.03 -14.26 -7.47
CA SER A 251 15.73 -14.92 -7.28
C SER A 251 14.60 -13.90 -7.07
N LEU A 252 14.89 -12.81 -6.36
CA LEU A 252 13.89 -11.73 -6.17
C LEU A 252 13.63 -11.00 -7.47
N HIS A 253 14.68 -10.71 -8.23
CA HIS A 253 14.47 -10.03 -9.49
C HIS A 253 13.65 -10.92 -10.42
N GLN A 254 13.88 -12.23 -10.39
CA GLN A 254 13.09 -13.12 -11.25
C GLN A 254 11.62 -13.15 -10.85
N LEU A 255 11.36 -13.10 -9.55
CA LEU A 255 9.98 -13.01 -9.07
C LEU A 255 9.34 -11.71 -9.57
N MET A 256 10.10 -10.61 -9.56
CA MET A 256 9.61 -9.36 -10.16
C MET A 256 9.25 -9.57 -11.62
N LEU A 257 10.16 -10.20 -12.39
CA LEU A 257 9.89 -10.40 -13.82
C LEU A 257 8.66 -11.28 -14.06
N ASP A 258 8.47 -12.28 -13.20
CA ASP A 258 7.26 -13.14 -13.20
C ASP A 258 6.00 -12.28 -12.99
N CYS A 259 6.07 -11.36 -12.00
CA CYS A 259 5.00 -10.41 -11.76
C CYS A 259 4.72 -9.52 -12.98
N TRP A 260 5.75 -9.23 -13.77
CA TRP A 260 5.62 -8.32 -14.91
C TRP A 260 5.43 -9.06 -16.25
N GLN A 261 4.93 -10.28 -16.21
CA GLN A 261 4.56 -10.94 -17.46
C GLN A 261 3.44 -10.17 -18.15
N LYS A 262 3.59 -10.01 -19.47
CA LYS A 262 2.55 -9.31 -20.22
C LYS A 262 1.20 -10.02 -20.14
N ASP A 263 1.20 -11.35 -20.25
CA ASP A 263 -0.01 -12.15 -20.07
C ASP A 263 -0.37 -12.22 -18.57
N ARG A 264 -1.42 -11.53 -18.19
CA ARG A 264 -1.83 -11.50 -16.80
C ARG A 264 -2.05 -12.89 -16.20
N ASN A 265 -2.52 -13.85 -16.99
CA ASN A 265 -2.72 -15.21 -16.49
C ASN A 265 -1.43 -15.93 -16.13
N ALA A 266 -0.31 -15.48 -16.69
CA ALA A 266 0.98 -16.11 -16.42
C ALA A 266 1.61 -15.59 -15.14
N ARG A 267 1.10 -14.49 -14.60
CA ARG A 267 1.68 -13.91 -13.37
C ARG A 267 1.35 -14.81 -12.15
N PRO A 268 2.27 -14.85 -11.16
CA PRO A 268 1.92 -15.60 -9.94
C PRO A 268 0.74 -14.94 -9.25
N ARG A 269 -0.13 -15.75 -8.68
CA ARG A 269 -1.18 -15.27 -7.80
C ARG A 269 -0.51 -15.09 -6.43
N PHE A 270 -1.19 -14.39 -5.52
CA PHE A 270 -0.56 -14.03 -4.25
C PHE A 270 -0.17 -15.18 -3.33
N PRO A 271 -0.94 -16.28 -3.33
CA PRO A 271 -0.53 -17.42 -2.52
C PRO A 271 0.83 -17.96 -2.99
N GLN A 272 1.03 -18.00 -4.31
CA GLN A 272 2.30 -18.42 -4.89
C GLN A 272 3.43 -17.43 -4.54
N VAL A 273 3.12 -16.14 -4.54
CA VAL A 273 4.14 -15.11 -4.16
C VAL A 273 4.59 -15.30 -2.73
N VAL A 274 3.61 -15.46 -1.83
CA VAL A 274 3.92 -15.69 -0.42
C VAL A 274 4.76 -16.96 -0.31
N SER A 275 4.38 -18.02 -1.04
CA SER A 275 5.09 -19.28 -0.97
C SER A 275 6.53 -19.12 -1.39
N ALA A 276 6.74 -18.34 -2.46
CA ALA A 276 8.07 -18.12 -3.00
C ALA A 276 8.93 -17.41 -1.98
N LEU A 277 8.38 -16.37 -1.35
CA LEU A 277 9.12 -15.60 -0.36
C LEU A 277 9.43 -16.43 0.87
N ASP A 278 8.46 -17.21 1.32
CA ASP A 278 8.68 -18.12 2.46
C ASP A 278 9.82 -19.11 2.22
N LYS A 279 9.90 -19.66 1.01
CA LYS A 279 11.04 -20.53 0.62
C LYS A 279 12.37 -19.80 0.69
N MET A 280 12.41 -18.56 0.19
CA MET A 280 13.65 -17.77 0.29
C MET A 280 14.08 -17.58 1.73
N ILE A 281 13.11 -17.26 2.57
CA ILE A 281 13.37 -17.06 3.99
C ILE A 281 13.94 -18.34 4.58
N ARG A 282 13.35 -19.48 4.22
CA ARG A 282 13.81 -20.79 4.70
C ARG A 282 15.17 -21.19 4.12
N ASN A 283 15.53 -20.63 2.96
CA ASN A 283 16.76 -21.02 2.26
C ASN A 283 17.58 -19.80 1.91
N PRO A 284 18.05 -19.06 2.93
CA PRO A 284 18.65 -17.77 2.66
C PRO A 284 19.95 -17.82 1.86
N ALA A 285 20.54 -19.01 1.72
CA ALA A 285 21.66 -19.18 0.81
C ALA A 285 21.29 -18.78 -0.63
N SER A 286 20.06 -19.06 -1.04
CA SER A 286 19.60 -18.78 -2.40
C SER A 286 19.67 -17.29 -2.76
N LEU A 287 19.58 -16.45 -1.73
CA LEU A 287 19.59 -15.00 -1.88
C LEU A 287 20.99 -14.42 -2.09
N LYS A 288 22.02 -15.24 -1.89
CA LYS A 288 23.41 -14.81 -2.12
C LYS A 288 23.75 -14.54 -3.58
N ILE A 289 23.05 -15.21 -4.50
CA ILE A 289 23.30 -15.04 -5.93
C ILE A 289 22.75 -13.69 -6.40
N VAL A 290 23.68 -12.82 -6.81
CA VAL A 290 23.41 -11.46 -7.25
C VAL A 290 24.08 -11.28 -8.62
N ALA A 291 23.48 -10.45 -9.47
CA ALA A 291 24.15 -10.04 -10.72
C ALA A 291 25.10 -8.89 -10.40
#